data_2DD1
#
_entry.id   2DD1
#
loop_
_entity.id
_entity.type
_entity.pdbx_description
1 polymer "5'-R(*GP*GP*UP*GP*GP*AP*GP*GP*CP*U)-3'"
2 polymer "5'-R(*GP*CP*CP*GP*AP*AP*AP*CP*CP*(P5P))-3'"
#
loop_
_entity_poly.entity_id
_entity_poly.type
_entity_poly.pdbx_seq_one_letter_code
_entity_poly.pdbx_strand_id
1 'polyribonucleotide' GGUGGAGGCU A
2 'polyribonucleotide' GCCGAAACC(P5P) B
#
loop_
_chem_comp.id
_chem_comp.type
_chem_comp.name
_chem_comp.formula
A RNA linking ADENOSINE-5'-MONOPHOSPHATE 'C10 H14 N5 O7 P'
C RNA linking CYTIDINE-5'-MONOPHOSPHATE 'C9 H14 N3 O8 P'
G RNA linking GUANOSINE-5'-MONOPHOSPHATE 'C10 H14 N5 O8 P'
P5P RNA linking 'PURINE RIBOSIDE-5'-MONOPHOSPHATE' 'C10 H13 N4 O7 P'
U RNA linking URIDINE-5'-MONOPHOSPHATE 'C9 H13 N2 O9 P'
#
# COMPACT_ATOMS: atom_id res chain seq x y z
N1 P5P B 10 1.13 -4.06 -1.86
C2 P5P B 10 -0.17 -3.95 -2.09
N3 P5P B 10 -0.92 -2.84 -2.10
C4 P5P B 10 -0.18 -1.73 -1.81
C5 P5P B 10 1.17 -1.70 -1.54
C6 P5P B 10 1.84 -2.94 -1.59
N7 P5P B 10 1.58 -0.40 -1.24
C8 P5P B 10 0.47 0.30 -1.35
N9 P5P B 10 -0.62 -0.44 -1.73
C1' P5P B 10 -2.02 0.02 -1.98
C2' P5P B 10 -2.87 -0.21 -0.73
O2' P5P B 10 -4.20 -0.49 -1.11
C3' P5P B 10 -2.77 1.17 -0.04
O3' P5P B 10 -3.83 1.40 0.87
C4' P5P B 10 -2.80 2.08 -1.27
O4' P5P B 10 -2.04 1.40 -2.26
C5' P5P B 10 -2.25 3.49 -0.99
O5' P5P B 10 -0.94 3.42 -0.45
P P5P B 10 -0.12 4.74 -0.02
OP1 P5P B 10 -1.10 5.71 0.53
OP2 P5P B 10 1.02 4.30 0.79
H2 P5P B 10 -0.69 -4.87 -2.31
H6 P5P B 10 2.89 -3.00 -1.40
H8 P5P B 10 0.45 1.37 -1.17
H1' P5P B 10 -2.43 -0.56 -2.81
H2' P5P B 10 -2.48 -1.00 -0.08
HO2' P5P B 10 -4.77 -0.22 -0.38
H3' P5P B 10 -1.81 1.24 0.46
HO3' P5P B 10 -3.66 2.23 1.31
H4' P5P B 10 -3.82 2.17 -1.62
H5'1 P5P B 10 -2.25 4.06 -1.92
H5'2 P5P B 10 -2.91 3.98 -0.28
N1 P5P B 10 3.99 -3.53 -0.26
C2 P5P B 10 2.70 -3.87 -0.19
N3 P5P B 10 1.63 -3.07 -0.21
C4 P5P B 10 2.00 -1.76 -0.30
C5 P5P B 10 3.27 -1.26 -0.37
C6 P5P B 10 4.30 -2.22 -0.37
N7 P5P B 10 3.26 0.13 -0.40
C8 P5P B 10 1.99 0.43 -0.37
N9 P5P B 10 1.15 -0.67 -0.34
C1' P5P B 10 -0.33 -0.74 -0.32
C2' P5P B 10 -0.84 -0.96 1.11
O2' P5P B 10 -2.01 -1.76 1.07
C3' P5P B 10 -1.14 0.47 1.55
O3' P5P B 10 -2.09 0.47 2.60
C4' P5P B 10 -1.66 1.07 0.26
O4' P5P B 10 -0.90 0.48 -0.79
C5' P5P B 10 -1.58 2.61 0.21
O5' P5P B 10 -0.23 3.03 0.35
P P5P B 10 0.18 4.60 0.31
OP1 P5P B 10 -0.91 5.37 0.95
OP2 P5P B 10 1.56 4.70 0.82
H2 P5P B 10 2.49 -4.92 -0.12
H6 P5P B 10 5.34 -1.92 -0.43
H8 P5P B 10 1.62 1.45 -0.36
H1' P5P B 10 -0.64 -1.56 -0.96
H2' P5P B 10 -0.08 -1.42 1.75
HO2' P5P B 10 -1.76 -2.66 0.80
H3' P5P B 10 -0.22 0.97 1.87
HO3' P5P B 10 -2.66 -0.29 2.44
H4' P5P B 10 -2.70 0.77 0.12
H5'1 P5P B 10 -1.99 2.96 -0.74
H5'2 P5P B 10 -2.17 3.02 1.02
N1 P5P B 10 3.84 -4.22 -0.19
C2 P5P B 10 2.55 -4.54 -0.14
N3 P5P B 10 1.49 -3.74 -0.25
C4 P5P B 10 1.87 -2.44 -0.41
C5 P5P B 10 3.15 -1.96 -0.48
C6 P5P B 10 4.17 -2.93 -0.38
N7 P5P B 10 3.15 -0.57 -0.62
C8 P5P B 10 1.89 -0.27 -0.67
N9 P5P B 10 1.04 -1.34 -0.56
C1' P5P B 10 -0.45 -1.38 -0.56
C2' P5P B 10 -1.00 -1.83 0.79
O2' P5P B 10 -2.29 -2.42 0.62
C3' P5P B 10 -1.07 -0.50 1.53
O3' P5P B 10 -1.98 -0.57 2.60
C4' P5P B 10 -1.52 0.45 0.41
O4' P5P B 10 -0.97 -0.08 -0.80
C5' P5P B 10 -1.05 1.88 0.66
O5' P5P B 10 -1.81 2.80 -0.10
P P5P B 10 -1.39 4.36 -0.18
OP1 P5P B 10 -2.57 5.16 0.25
OP2 P5P B 10 -0.10 4.55 0.49
H2 P5P B 10 2.33 -5.60 0.00
H6 P5P B 10 5.22 -2.65 -0.43
H8 P5P B 10 1.54 0.75 -0.78
H1' P5P B 10 -0.77 -2.06 -1.36
H2' P5P B 10 -0.34 -2.53 1.31
HO2' P5P B 10 -2.19 -3.25 0.16
H3' P5P B 10 -0.07 -0.22 1.87
HO3' P5P B 10 -2.69 -1.15 2.33
H4' P5P B 10 -2.61 0.43 0.35
H5'1 P5P B 10 -1.17 2.12 1.71
H5'2 P5P B 10 0.01 1.96 0.41
N1 P5P B 10 4.49 -3.54 -0.17
C2 P5P B 10 3.26 -4.04 -0.05
N3 P5P B 10 2.10 -3.40 -0.15
C4 P5P B 10 2.27 -2.07 -0.39
C5 P5P B 10 3.48 -1.41 -0.52
C6 P5P B 10 4.62 -2.23 -0.42
N7 P5P B 10 3.27 -0.06 -0.71
C8 P5P B 10 1.97 0.07 -0.72
N9 P5P B 10 1.30 -1.11 -0.52
C1' P5P B 10 -0.17 -1.34 -0.48
C2' P5P B 10 -0.61 -1.85 0.90
O2' P5P B 10 -1.81 -2.60 0.79
C3' P5P B 10 -0.84 -0.53 1.63
O3' P5P B 10 -1.68 -0.69 2.75
C4' P5P B 10 -1.44 0.34 0.52
O4' P5P B 10 -0.88 -0.14 -0.70
C5' P5P B 10 -1.15 1.83 0.73
O5' P5P B 10 -2.06 2.62 -0.01
P P5P B 10 -1.87 4.22 -0.11
OP1 P5P B 10 -3.13 4.85 0.35
OP2 P5P B 10 -0.59 4.60 0.53
H2 P5P B 10 3.20 -5.11 0.14
H6 P5P B 10 5.61 -1.80 -0.53
H8 P5P B 10 1.49 1.02 -0.86
H1' P5P B 10 -0.44 -2.08 -1.24
H2' P5P B 10 0.16 -2.44 1.40
HO2' P5P B 10 -1.61 -3.43 0.35
H3' P5P B 10 0.12 -0.11 1.94
HO3' P5P B 10 -2.31 -1.37 2.49
H4' P5P B 10 -2.52 0.17 0.49
H5'1 P5P B 10 -1.26 2.06 1.78
H5'2 P5P B 10 -0.13 2.03 0.43
N1 P5P B 10 4.04 -3.20 -0.24
C2 P5P B 10 2.77 -3.62 -0.22
N3 P5P B 10 1.66 -2.88 -0.34
C4 P5P B 10 1.95 -1.55 -0.47
C5 P5P B 10 3.20 -0.98 -0.49
C6 P5P B 10 4.28 -1.89 -0.40
N7 P5P B 10 3.10 0.40 -0.58
C8 P5P B 10 1.82 0.63 -0.63
N9 P5P B 10 1.05 -0.52 -0.59
C1' P5P B 10 -0.42 -0.68 -0.65
C2' P5P B 10 -0.99 -0.91 0.74
O2' P5P B 10 -2.11 -1.78 0.66
C3' P5P B 10 -1.40 0.51 1.15
O3' P5P B 10 -2.41 0.48 2.15
C4' P5P B 10 -1.88 1.06 -0.18
O4' P5P B 10 -1.03 0.50 -1.18
C5' P5P B 10 -1.88 2.60 -0.24
O5' P5P B 10 -0.57 3.11 -0.03
P P5P B 10 -0.25 4.68 -0.06
OP1 P5P B 10 -1.40 5.40 0.51
OP2 P5P B 10 1.10 4.87 0.53
H2 P5P B 10 2.62 -4.68 -0.11
H6 P5P B 10 5.30 -1.52 -0.41
H8 P5P B 10 1.40 1.62 -0.68
H1' P5P B 10 -0.65 -1.52 -1.29
H2' P5P B 10 -0.25 -1.31 1.43
HO2' P5P B 10 -1.81 -2.66 0.41
H3' P5P B 10 -0.52 1.06 1.51
HO3' P5P B 10 -2.92 -0.32 1.97
H4' P5P B 10 -2.90 0.71 -0.36
H5'1 P5P B 10 -2.25 2.92 -1.21
H5'2 P5P B 10 -2.54 2.98 0.54
N1 P5P B 10 2.73 -4.83 -1.33
C2 P5P B 10 1.43 -5.02 -1.57
N3 P5P B 10 0.46 -4.12 -1.63
C4 P5P B 10 0.93 -2.86 -1.38
C5 P5P B 10 2.23 -2.51 -1.10
C6 P5P B 10 3.16 -3.58 -1.10
N7 P5P B 10 2.33 -1.15 -0.85
C8 P5P B 10 1.11 -0.72 -1.00
N9 P5P B 10 0.20 -1.69 -1.35
C1' P5P B 10 -1.25 -1.58 -1.63
C2' P5P B 10 -2.06 -2.06 -0.42
O2' P5P B 10 -3.25 -2.68 -0.88
C3' P5P B 10 -2.35 -0.75 0.29
O3' P5P B 10 -3.50 -0.87 1.11
C4' P5P B 10 -2.53 0.20 -0.89
O4' P5P B 10 -1.61 -0.23 -1.88
C5' P5P B 10 -2.32 1.68 -0.54
O5' P5P B 10 -1.01 1.89 -0.03
P P5P B 10 -0.49 3.35 0.42
OP1 P5P B 10 -1.62 4.07 1.02
OP2 P5P B 10 0.76 3.15 1.19
H2 P5P B 10 1.13 -6.04 -1.76
H6 P5P B 10 4.21 -3.39 -0.91
H8 P5P B 10 0.83 0.31 -0.85
H1' P5P B 10 -1.47 -2.20 -2.50
H2' P5P B 10 -1.50 -2.74 0.21
HO2' P5P B 10 -3.03 -3.51 -1.33
H3' P5P B 10 -1.48 -0.45 0.89
HO3' P5P B 10 -4.08 -1.49 0.66
H4' P5P B 10 -3.54 0.07 -1.29
H5'1 P5P B 10 -2.48 2.29 -1.42
H5'2 P5P B 10 -3.05 1.96 0.23
N1 P5P B 10 5.06 -2.27 -0.05
C2 P5P B 10 3.97 -2.99 0.20
N3 P5P B 10 2.70 -2.59 0.13
C4 P5P B 10 2.59 -1.28 -0.21
C5 P5P B 10 3.62 -0.41 -0.47
C6 P5P B 10 4.92 -0.98 -0.40
N7 P5P B 10 3.15 0.86 -0.74
C8 P5P B 10 1.85 0.72 -0.65
N9 P5P B 10 1.44 -0.55 -0.36
C1' P5P B 10 0.06 -1.07 -0.18
C2' P5P B 10 -0.32 -1.12 1.30
O2' P5P B 10 -1.19 -2.21 1.54
C3' P5P B 10 -1.03 0.22 1.46
O3' P5P B 10 -1.89 0.25 2.60
C4' P5P B 10 -1.78 0.31 0.13
O4' P5P B 10 -0.88 -0.22 -0.84
C5' P5P B 10 -2.23 1.72 -0.23
O5' P5P B 10 -1.13 2.61 -0.24
P P5P B 10 -1.30 4.18 -0.54
OP1 P5P B 10 -2.59 4.63 0.03
OP2 P5P B 10 -0.04 4.86 -0.13
H2 P5P B 10 4.13 -4.02 0.47
H6 P5P B 10 5.79 -0.37 -0.61
H8 P5P B 10 1.17 1.56 -0.79
H1' P5P B 10 0.01 -2.09 -0.60
H2' P5P B 10 0.56 -1.19 1.95
HO2' P5P B 10 -1.72 -1.98 2.31
H3' P5P B 10 -0.28 1.02 1.53
HO3' P5P B 10 -2.24 1.13 2.68
H4' P5P B 10 -2.65 -0.34 0.17
H5'1 P5P B 10 -2.70 1.71 -1.21
H5'2 P5P B 10 -2.96 2.06 0.50
N1 P5P B 10 5.06 -2.78 -0.11
C2 P5P B 10 3.98 -3.53 0.10
N3 P5P B 10 2.70 -3.17 0.06
C4 P5P B 10 2.56 -1.85 -0.24
C5 P5P B 10 3.58 -0.95 -0.46
C6 P5P B 10 4.89 -1.47 -0.41
N7 P5P B 10 3.06 0.33 -0.68
C8 P5P B 10 1.77 0.16 -0.60
N9 P5P B 10 1.39 -1.14 -0.36
C1' P5P B 10 0.02 -1.71 -0.21
C2' P5P B 10 -0.35 -1.85 1.27
O2' P5P B 10 -1.20 -2.97 1.43
C3' P5P B 10 -1.08 -0.55 1.52
O3' P5P B 10 -1.92 -0.61 2.66
C4' P5P B 10 -1.83 -0.38 0.20
O4' P5P B 10 -0.93 -0.84 -0.80
C5' P5P B 10 -2.32 1.05 -0.06
O5' P5P B 10 -1.24 1.95 0.01
P P5P B 10 -1.44 3.54 -0.17
OP1 P5P B 10 -2.72 3.92 0.45
OP2 P5P B 10 -0.20 4.21 0.28
H2 P5P B 10 4.17 -4.57 0.34
H6 P5P B 10 5.74 -0.84 -0.60
H8 P5P B 10 1.07 0.98 -0.71
H1' P5P B 10 -0.01 -2.69 -0.69
H2' P5P B 10 0.54 -1.95 1.90
HO2' P5P B 10 -1.72 -2.81 2.22
H3' P5P B 10 -0.35 0.25 1.65
HO3' P5P B 10 -2.29 0.26 2.82
H4' P5P B 10 -2.69 -1.05 0.21
H5'1 P5P B 10 -2.79 1.09 -1.03
H5'2 P5P B 10 -3.05 1.31 0.71
N1 P5P B 10 -0.82 -3.57 -1.87
C2 P5P B 10 -1.80 -2.66 -1.90
N3 P5P B 10 -1.72 -1.35 -1.67
C4 P5P B 10 -0.44 -0.97 -1.38
C5 P5P B 10 0.67 -1.79 -1.31
C6 P5P B 10 0.44 -3.15 -1.58
N7 P5P B 10 1.80 -1.05 -0.98
C8 P5P B 10 1.36 0.18 -0.87
N9 P5P B 10 0.00 0.30 -1.06
C1' P5P B 10 -0.82 1.53 -0.96
C2' P5P B 10 -1.93 1.43 0.10
O2' P5P B 10 -3.10 2.05 -0.40
C3' P5P B 10 -1.32 2.26 1.25
O3' P5P B 10 -2.32 2.76 2.12
C4' P5P B 10 -0.58 3.34 0.47
O4' P5P B 10 0.03 2.60 -0.57
C5' P5P B 10 0.47 4.05 1.33
O5' P5P B 10 1.32 4.92 0.60
P P5P B 10 0.79 6.20 -0.24
OP1 P5P B 10 -0.53 6.58 0.30
OP2 P5P B 10 1.87 7.21 -0.29
H2 P5P B 10 -2.78 -3.03 -2.13
H6 P5P B 10 1.25 -3.86 -1.57
H8 P5P B 10 1.99 1.01 -0.63
H1' P5P B 10 -1.28 1.73 -1.93
H2' P5P B 10 -2.13 0.41 0.42
HO2' P5P B 10 -3.48 2.57 0.32
H3' P5P B 10 -0.60 1.65 1.80
HO3' P5P B 10 -2.65 2.04 2.67
H4' P5P B 10 -1.29 4.06 0.05
H5'1 P5P B 10 -0.04 4.62 2.11
H5'2 P5P B 10 1.09 3.30 1.82
N1 P5P B 10 3.66 -3.17 -0.33
C2 P5P B 10 2.41 -3.64 -0.38
N3 P5P B 10 1.27 -2.95 -0.52
C4 P5P B 10 1.51 -1.61 -0.61
C5 P5P B 10 2.73 -0.99 -0.57
C6 P5P B 10 3.85 -1.84 -0.44
N7 P5P B 10 2.58 0.39 -0.63
C8 P5P B 10 1.29 0.56 -0.73
N9 P5P B 10 0.57 -0.61 -0.76
C1' P5P B 10 -0.89 -0.82 -0.88
C2' P5P B 10 -1.52 -1.05 0.50
O2' P5P B 10 -2.63 -1.93 0.36
C3' P5P B 10 -1.97 0.36 0.87
O3' P5P B 10 -3.00 0.35 1.85
C4' P5P B 10 -2.41 0.89 -0.49
O4' P5P B 10 -1.51 0.33 -1.44
C5' P5P B 10 -2.47 2.41 -0.57
O5' P5P B 10 -1.20 2.97 -0.26
P P5P B 10 -0.94 4.56 -0.24
OP1 P5P B 10 -2.17 5.22 0.27
OP2 P5P B 10 0.35 4.79 0.44
H2 P5P B 10 2.30 -4.71 -0.30
H6 P5P B 10 4.85 -1.44 -0.41
H8 P5P B 10 0.84 1.54 -0.79
H1' P5P B 10 -1.07 -1.69 -1.51
H2' P5P B 10 -0.81 -1.45 1.22
HO2' P5P B 10 -3.29 -1.67 1.01
H3' P5P B 10 -1.11 0.93 1.23
HO3' P5P B 10 -2.60 0.28 2.72
H4' P5P B 10 -3.41 0.49 -0.71
H5'1 P5P B 10 -2.78 2.71 -1.57
H5'2 P5P B 10 -3.21 2.78 0.15
N1 P5P B 10 5.10 -2.70 0.00
C2 P5P B 10 3.99 -3.42 0.11
N3 P5P B 10 2.73 -3.01 0.00
C4 P5P B 10 2.65 -1.66 -0.24
C5 P5P B 10 3.71 -0.79 -0.36
C6 P5P B 10 4.99 -1.37 -0.25
N7 P5P B 10 3.26 0.50 -0.55
C8 P5P B 10 1.96 0.38 -0.56
N9 P5P B 10 1.52 -0.91 -0.41
C1' P5P B 10 0.13 -1.45 -0.40
C2' P5P B 10 -0.33 -1.70 1.04
O2' P5P B 10 -1.18 -2.84 1.08
C3' P5P B 10 -1.07 -0.41 1.36
O3' P5P B 10 -2.02 -0.62 2.40
C4' P5P B 10 -1.72 -0.11 0.00
O4' P5P B 10 -0.77 -0.52 -0.97
C5' P5P B 10 -2.12 1.36 -0.17
O5' P5P B 10 -0.99 2.20 -0.05
P P5P B 10 -1.08 3.80 -0.19
OP1 P5P B 10 -2.38 4.24 0.37
OP2 P5P B 10 0.17 4.37 0.31
H2 P5P B 10 4.13 -4.47 0.30
H6 P5P B 10 5.88 -0.76 -0.35
H8 P5P B 10 1.29 1.23 -0.67
H1' P5P B 10 0.12 -2.38 -0.96
H2' P5P B 10 0.52 -1.85 1.73
HO2' P5P B 10 -0.66 -3.62 0.88
H3' P5P B 10 -0.37 0.37 1.64
HO3' P5P B 10 -2.31 -1.54 2.30
H4' P5P B 10 -2.61 -0.73 -0.10
H5'1 P5P B 10 -2.57 1.49 -1.15
H5'2 P5P B 10 -2.84 1.62 0.60
N1 P5P B 10 4.08 -1.49 0.56
C2 P5P B 10 2.99 -2.23 0.72
N3 P5P B 10 1.73 -1.90 0.41
C4 P5P B 10 1.64 -0.63 -0.09
C5 P5P B 10 2.67 0.24 -0.28
C6 P5P B 10 3.95 -0.25 0.05
N7 P5P B 10 2.21 1.46 -0.75
C8 P5P B 10 0.91 1.28 -0.84
N9 P5P B 10 0.49 0.03 -0.48
C1' P5P B 10 -0.87 -0.55 -0.48
C2' P5P B 10 -1.46 -0.58 0.94
O2' P5P B 10 -2.33 -1.70 1.06
C3' P5P B 10 -2.20 0.74 0.98
O3' P5P B 10 -3.20 0.73 1.98
C4' P5P B 10 -2.75 0.81 -0.45
O4' P5P B 10 -1.76 0.22 -1.27
C5' P5P B 10 -3.12 2.23 -0.90
O5' P5P B 10 -1.99 3.08 -0.86
P P5P B 10 -2.08 4.63 -1.28
OP1 P5P B 10 -3.40 5.16 -0.86
OP2 P5P B 10 -0.84 5.29 -0.81
H2 P5P B 10 3.12 -3.22 1.11
H6 P5P B 10 4.83 0.37 -0.08
H8 P5P B 10 0.25 2.05 -1.18
H1' P5P B 10 -0.81 -1.58 -0.86
H2' P5P B 10 -0.68 -0.62 1.70
HO2' P5P B 10 -2.82 -1.80 0.25
H3' P5P B 10 -1.50 1.56 1.15
HO3' P5P B 10 -3.40 -0.20 2.14
H4' P5P B 10 -3.66 0.20 -0.49
H5'1 P5P B 10 -3.52 2.19 -1.91
H5'2 P5P B 10 -3.90 2.62 -0.24
N1 P5P B 10 3.64 -0.88 0.17
C2 P5P B 10 2.61 -1.71 0.36
N3 P5P B 10 1.33 -1.51 0.04
C4 P5P B 10 1.14 -0.30 -0.56
C5 P5P B 10 2.10 0.64 -0.81
C6 P5P B 10 3.41 0.30 -0.44
N7 P5P B 10 1.52 1.78 -1.38
C8 P5P B 10 0.26 1.49 -1.46
N9 P5P B 10 -0.05 0.22 -1.01
C1' P5P B 10 -1.36 -0.48 -0.96
C2' P5P B 10 -1.94 -0.44 0.45
O2' P5P B 10 -2.66 -1.64 0.70
C3' P5P B 10 -2.85 0.79 0.37
O3' P5P B 10 -3.86 0.70 1.35
C4' P5P B 10 -3.38 0.65 -1.05
O4' P5P B 10 -2.30 0.15 -1.83
C5' P5P B 10 -3.91 1.97 -1.63
O5' P5P B 10 -2.90 2.96 -1.66
P P5P B 10 -3.15 4.44 -2.25
OP1 P5P B 10 -4.53 4.84 -1.89
OP2 P5P B 10 -2.01 5.28 -1.84
H2 P5P B 10 2.84 -2.64 0.84
H6 P5P B 10 4.23 0.98 -0.62
H8 P5P B 10 -0.48 2.17 -1.86
H1' P5P B 10 -1.21 -1.51 -1.28
H2' P5P B 10 -1.16 -0.30 1.21
HO2' P5P B 10 -2.04 -2.37 0.76
H3' P5P B 10 -2.26 1.69 0.49
HO3' P5P B 10 -4.06 -0.23 1.48
H4' P5P B 10 -4.18 -0.08 -1.06
H5'1 P5P B 10 -4.30 1.79 -2.63
H5'2 P5P B 10 -4.73 2.32 -1.00
N1 P5P B 10 5.55 -1.60 0.04
C2 P5P B 10 4.53 -2.42 0.26
N3 P5P B 10 3.23 -2.15 0.21
C4 P5P B 10 2.99 -0.85 -0.09
C5 P5P B 10 3.94 0.12 -0.34
C6 P5P B 10 5.28 -0.31 -0.28
N7 P5P B 10 3.34 1.36 -0.57
C8 P5P B 10 2.06 1.10 -0.47
N9 P5P B 10 1.77 -0.23 -0.22
C1' P5P B 10 0.46 -0.89 -0.07
C2' P5P B 10 0.13 -1.10 1.41
O2' P5P B 10 -0.60 -2.31 1.57
C3' P5P B 10 -0.72 0.12 1.72
O3' P5P B 10 -1.56 -0.12 2.83
C4' P5P B 10 -1.49 0.27 0.40
O4' P5P B 10 -0.59 -0.10 -0.63
C5' P5P B 10 -2.05 1.68 0.18
O5' P5P B 10 -1.00 2.63 0.16
P P5P B 10 -1.29 4.21 -0.10
OP1 P5P B 10 -2.56 4.56 0.56
OP2 P5P B 10 -0.05 4.93 0.28
H2 P5P B 10 4.79 -3.44 0.51
H6 P5P B 10 6.09 0.38 -0.47
H8 P5P B 10 1.30 1.86 -0.59
H1' P5P B 10 0.50 -1.85 -0.58
H2' P5P B 10 1.03 -1.13 2.03
HO2' P5P B 10 -0.02 -3.06 1.37
H3' P5P B 10 -0.08 0.99 1.89
HO3' P5P B 10 -1.77 -1.06 2.81
H4' P5P B 10 -2.31 -0.44 0.40
H5'1 P5P B 10 -2.60 1.71 -0.76
H5'2 P5P B 10 -2.74 1.93 1.00
N1 P5P B 10 5.16 -2.76 -0.01
C2 P5P B 10 4.08 -3.53 0.09
N3 P5P B 10 2.80 -3.17 -0.04
C4 P5P B 10 2.67 -1.83 -0.29
C5 P5P B 10 3.68 -0.92 -0.40
C6 P5P B 10 5.00 -1.44 -0.28
N7 P5P B 10 3.17 0.36 -0.60
C8 P5P B 10 1.89 0.18 -0.63
N9 P5P B 10 1.50 -1.14 -0.47
C1' P5P B 10 0.13 -1.73 -0.45
C2' P5P B 10 -0.33 -1.95 0.98
O2' P5P B 10 -1.18 -3.09 1.02
C3' P5P B 10 -1.11 -0.67 1.26
O3' P5P B 10 -2.05 -0.83 2.32
C4' P5P B 10 -1.77 -0.45 -0.11
O4' P5P B 10 -0.79 -0.84 -1.07
C5' P5P B 10 -2.24 1.00 -0.33
O5' P5P B 10 -1.15 1.90 -0.20
P P5P B 10 -1.34 3.49 -0.37
OP1 P5P B 10 -2.66 3.87 0.18
OP2 P5P B 10 -0.11 4.13 0.15
H2 P5P B 10 4.26 -4.57 0.30
H6 P5P B 10 5.86 -0.79 -0.36
H8 P5P B 10 1.18 0.99 -0.75
H1' P5P B 10 0.16 -2.68 -0.98
H2' P5P B 10 0.50 -2.08 1.68
HO2' P5P B 10 -1.84 -2.94 1.70
H3' P5P B 10 -0.42 0.14 1.48
HO3' P5P B 10 -1.59 -0.70 3.15
H4' P5P B 10 -2.62 -1.11 -0.19
H5'1 P5P B 10 -2.68 1.09 -1.32
H5'2 P5P B 10 -3.00 1.24 0.42
N1 P5P B 10 3.85 -2.47 -0.38
C2 P5P B 10 2.64 -3.04 -0.30
N3 P5P B 10 1.45 -2.47 -0.44
C4 P5P B 10 1.55 -1.13 -0.70
C5 P5P B 10 2.72 -0.40 -0.79
C6 P5P B 10 3.92 -1.15 -0.64
N7 P5P B 10 2.45 0.94 -1.00
C8 P5P B 10 1.14 0.99 -1.04
N9 P5P B 10 0.53 -0.23 -0.90
C1' P5P B 10 -0.92 -0.57 -0.90
C2' P5P B 10 -1.46 -0.67 0.53
O2' P5P B 10 -2.48 -1.64 0.57
C3' P5P B 10 -2.00 0.74 0.74
O3' P5P B 10 -2.98 0.78 1.78
C4' P5P B 10 -2.56 1.04 -0.65
O4' P5P B 10 -1.66 0.44 -1.57
C5' P5P B 10 -2.76 2.53 -0.91
O5' P5P B 10 -1.53 3.22 -0.77
P P5P B 10 -1.42 4.82 -0.98
OP1 P5P B 10 -2.68 5.44 -0.50
OP2 P5P B 10 -0.12 5.25 -0.42
H2 P5P B 10 2.63 -4.09 -0.09
H6 P5P B 10 4.88 -0.66 -0.72
H8 P5P B 10 0.60 1.91 -1.18
H1' P5P B 10 -1.04 -1.53 -1.40
H2' P5P B 10 -0.67 -0.91 1.25
HO2' P5P B 10 -3.12 -1.35 1.23
H3' P5P B 10 -1.18 1.42 0.97
HO3' P5P B 10 -2.52 0.85 2.62
H4' P5P B 10 -3.53 0.53 -0.74
H5'1 P5P B 10 -3.15 2.67 -1.92
H5'2 P5P B 10 -3.49 2.92 -0.20
N1 P5P B 10 2.58 -3.59 -0.27
C2 P5P B 10 1.27 -3.33 -0.18
N3 P5P B 10 0.66 -2.14 -0.21
C4 P5P B 10 1.55 -1.13 -0.35
C5 P5P B 10 2.92 -1.24 -0.47
C6 P5P B 10 3.43 -2.55 -0.43
N7 P5P B 10 3.51 0.01 -0.58
C8 P5P B 10 2.49 0.84 -0.54
N9 P5P B 10 1.28 0.23 -0.39
C1' P5P B 10 -0.05 0.86 -0.26
C2' P5P B 10 -0.71 0.57 1.11
O2' P5P B 10 -2.05 0.17 0.90
C3' P5P B 10 -0.61 1.93 1.80
O3' P5P B 10 -1.63 2.08 2.77
C4' P5P B 10 -0.74 2.87 0.62
O4' P5P B 10 0.09 2.26 -0.34
C5' P5P B 10 -0.25 4.29 0.96
O5' P5P B 10 -0.15 5.15 -0.16
P P5P B 10 -1.42 5.55 -1.09
OP1 P5P B 10 -2.66 5.33 -0.31
OP2 P5P B 10 -1.15 6.88 -1.68
H2 P5P B 10 0.63 -4.19 -0.07
H6 P5P B 10 4.49 -2.74 -0.53
H8 P5P B 10 2.59 1.92 -0.61
H1' P5P B 10 -0.70 0.50 -1.05
H2' P5P B 10 -0.17 -0.20 1.67
HO2' P5P B 10 -2.05 -0.72 0.50
H3' P5P B 10 0.38 2.03 2.25
HO3' P5P B 10 -2.41 1.64 2.42
H4' P5P B 10 -1.76 2.90 0.25
H5'1 P5P B 10 -0.93 4.73 1.69
H5'2 P5P B 10 0.74 4.22 1.41
N1 P5P B 10 4.42 -3.62 -0.34
C2 P5P B 10 3.25 -4.24 -0.37
N3 P5P B 10 2.04 -3.69 -0.47
C4 P5P B 10 2.09 -2.34 -0.56
C5 P5P B 10 3.23 -1.57 -0.54
C6 P5P B 10 4.44 -2.28 -0.44
N7 P5P B 10 2.91 -0.21 -0.58
C8 P5P B 10 1.60 -0.21 -0.64
N9 P5P B 10 1.03 -1.47 -0.67
C1' P5P B 10 -0.40 -1.85 -0.76
C2' P5P B 10 -0.94 -2.17 0.63
O2' P5P B 10 -1.94 -3.18 0.51
C3' P5P B 10 -1.56 -0.84 1.03
O3' P5P B 10 -2.55 -0.98 2.04
C4' P5P B 10 -2.11 -0.37 -0.31
O4' P5P B 10 -1.17 -0.79 -1.29
C5' P5P B 10 -2.38 1.14 -0.38
O5' P5P B 10 -1.18 1.85 -0.13
P P5P B 10 -1.13 3.48 -0.14
OP1 P5P B 10 -2.41 3.98 0.41
OP2 P5P B 10 0.15 3.87 0.49
H2 P5P B 10 3.27 -5.32 -0.29
H6 P5P B 10 5.39 -1.75 -0.43
H8 P5P B 10 1.03 0.70 -0.69
H1' P5P B 10 -0.47 -2.74 -1.39
H2' P5P B 10 -0.17 -2.49 1.33
HO2' P5P B 10 -2.61 -3.01 1.19
H3' P5P B 10 -0.77 -0.16 1.36
HO3' P5P B 10 -2.11 -1.00 2.89
H4' P5P B 10 -3.06 -0.89 -0.50
H5'1 P5P B 10 -2.77 1.40 -1.36
H5'2 P5P B 10 -3.12 1.40 0.37
N1 P5P B 10 3.77 -3.25 -0.46
C2 P5P B 10 2.57 -3.84 -0.49
N3 P5P B 10 1.38 -3.26 -0.60
C4 P5P B 10 1.47 -1.91 -0.69
C5 P5P B 10 2.63 -1.17 -0.66
C6 P5P B 10 3.82 -1.91 -0.57
N7 P5P B 10 2.34 0.20 -0.71
C8 P5P B 10 1.04 0.23 -0.79
N9 P5P B 10 0.44 -1.01 -0.81
C1' P5P B 10 -1.00 -1.36 -0.91
C2' P5P B 10 -1.58 -1.65 0.48
O2' P5P B 10 -2.60 -2.63 0.36
C3' P5P B 10 -2.16 -0.29 0.87
O3' P5P B 10 -3.15 -0.40 1.86
C4' P5P B 10 -2.67 0.19 -0.48
O4' P5P B 10 -1.74 -0.27 -1.45
C5' P5P B 10 -2.88 1.71 -0.57
O5' P5P B 10 -1.67 2.38 -0.28
P P5P B 10 -1.57 3.99 -0.27
OP1 P5P B 10 -2.84 4.53 0.27
OP2 P5P B 10 -0.29 4.34 0.39
H2 P5P B 10 2.57 -4.92 -0.41
H6 P5P B 10 4.78 -1.41 -0.55
H8 P5P B 10 0.49 1.16 -0.84
H1' P5P B 10 -1.11 -2.24 -1.53
H2' P5P B 10 -0.81 -1.98 1.19
HO2' P5P B 10 -3.26 -2.43 1.02
H3' P5P B 10 -1.35 0.36 1.21
HO3' P5P B 10 -2.73 -0.43 2.73
H4' P5P B 10 -3.63 -0.30 -0.68
H5'1 P5P B 10 -3.24 1.97 -1.55
H5'2 P5P B 10 -3.64 2.00 0.18
N1 P5P B 10 4.89 -1.98 -0.06
C2 P5P B 10 3.80 -2.73 0.10
N3 P5P B 10 2.52 -2.36 -0.02
C4 P5P B 10 2.41 -1.04 -0.30
C5 P5P B 10 3.43 -0.15 -0.48
C6 P5P B 10 4.74 -0.68 -0.36
N7 P5P B 10 2.94 1.13 -0.70
C8 P5P B 10 1.64 0.97 -0.68
N9 P5P B 10 1.24 -0.33 -0.48
C1' P5P B 10 -0.12 -0.91 -0.44
C2' P5P B 10 -0.56 -1.13 1.01
O2' P5P B 10 -1.38 -2.30 1.08
C3' P5P B 10 -1.35 0.14 1.31
O3' P5P B 10 -2.28 -0.07 2.34
C4' P5P B 10 -2.01 0.38 -0.06
O4' P5P B 10 -1.07 -0.03 -1.04
C5' P5P B 10 -2.45 1.84 -0.27
O5' P5P B 10 -1.33 2.70 -0.19
P P5P B 10 -1.45 4.29 -0.41
OP1 P5P B 10 -2.70 4.75 0.21
OP2 P5P B 10 -0.16 4.90 0.00
H2 P5P B 10 3.97 -3.77 0.33
H6 P5P B 10 5.60 -0.05 -0.50
H8 P5P B 10 0.96 1.79 -0.82
H1' P5P B 10 -0.11 -1.85 -0.97
H2' P5P B 10 0.29 -1.24 1.69
HO2' P5P B 10 -0.83 -3.07 0.91
H3' P5P B 10 -0.67 0.95 1.54
HO3' P5P B 10 -2.55 -1.00 2.29
H4' P5P B 10 -2.89 -0.25 -0.13
H5'1 P5P B 10 -2.91 1.93 -1.24
H5'2 P5P B 10 -3.16 2.11 0.51
N1 P5P B 10 3.25 -3.79 -0.32
C2 P5P B 10 1.96 -4.09 -0.42
N3 P5P B 10 0.92 -3.28 -0.59
C4 P5P B 10 1.31 -1.97 -0.64
C5 P5P B 10 2.60 -1.49 -0.53
C6 P5P B 10 3.60 -2.47 -0.39
N7 P5P B 10 2.61 -0.11 -0.57
C8 P5P B 10 1.36 0.21 -0.71
N9 P5P B 10 0.51 -0.87 -0.78
C1' P5P B 10 -0.97 -0.90 -0.96
C2' P5P B 10 -1.67 -1.08 0.39
O2' P5P B 10 -2.86 -1.82 0.19
C3' P5P B 10 -1.96 0.36 0.78
O3' P5P B 10 -3.01 0.45 1.73
C4' P5P B 10 -2.30 0.96 -0.58
O4' P5P B 10 -1.43 0.33 -1.51
C5' P5P B 10 -2.18 2.49 -0.63
O5' P5P B 10 -0.87 2.89 -0.29
P P5P B 10 -0.43 4.44 -0.25
OP1 P5P B 10 -1.58 5.23 0.24
OP2 P5P B 10 0.87 4.52 0.45
H2 P5P B 10 1.72 -5.15 -0.37
H6 P5P B 10 4.64 -2.19 -0.31
H8 P5P B 10 1.02 1.24 -0.76
H1' P5P B 10 -1.23 -1.73 -1.62
H2' P5P B 10 -1.03 -1.58 1.12
HO2' P5P B 10 -3.50 -1.49 0.84
H3' P5P B 10 -1.05 0.82 1.17
HO3' P5P B 10 -2.65 0.32 2.60
H4' P5P B 10 -3.33 0.68 -0.84
H5'1 P5P B 10 -2.43 2.83 -1.63
H5'2 P5P B 10 -2.89 2.92 0.08
N1 P5P B 10 4.89 -3.90 0.28
C2 P5P B 10 3.64 -4.11 0.66
N3 P5P B 10 2.61 -3.27 0.58
C4 P5P B 10 2.96 -2.07 0.06
C5 P5P B 10 4.22 -1.71 -0.36
C6 P5P B 10 5.22 -2.70 -0.25
N7 P5P B 10 4.21 -0.39 -0.84
C8 P5P B 10 2.97 -0.03 -0.70
N9 P5P B 10 2.15 -0.97 -0.15
C1' P5P B 10 0.72 -0.87 0.23
C2' P5P B 10 0.58 -0.76 1.75
O2' P5P B 10 -0.69 -1.24 2.14
C3' P5P B 10 0.69 0.75 1.94
O3' P5P B 10 0.11 1.18 3.17
C4' P5P B 10 -0.07 1.26 0.71
O4' P5P B 10 0.16 0.32 -0.33
C5' P5P B 10 0.37 2.67 0.27
O5' P5P B 10 -0.65 3.65 0.39
P P5P B 10 -2.03 3.69 -0.48
OP1 P5P B 10 -2.51 2.32 -0.71
OP2 P5P B 10 -2.93 4.66 0.18
H2 P5P B 10 3.42 -5.09 1.07
H6 P5P B 10 6.23 -2.50 -0.57
H8 P5P B 10 2.62 0.96 -1.00
H1' P5P B 10 0.19 -1.75 -0.14
H2' P5P B 10 1.36 -1.29 2.28
HO2' P5P B 10 -0.95 -0.75 2.93
H3' P5P B 10 1.73 1.05 1.88
HO3' P5P B 10 0.05 2.14 3.15
H4' P5P B 10 -1.13 1.25 0.94
H5'1 P5P B 10 1.20 2.99 0.89
H5'2 P5P B 10 0.72 2.63 -0.75
N1 P5P B 10 5.22 -1.20 0.09
C2 P5P B 10 4.24 -2.04 0.40
N3 P5P B 10 2.93 -1.86 0.30
C4 P5P B 10 2.63 -0.62 -0.19
C5 P5P B 10 3.52 0.35 -0.55
C6 P5P B 10 4.89 0.01 -0.41
N7 P5P B 10 2.86 1.51 -0.95
C8 P5P B 10 1.60 1.19 -0.84
N9 P5P B 10 1.37 -0.10 -0.42
C1' P5P B 10 0.10 -0.82 -0.20
C2' P5P B 10 -0.26 -0.84 1.28
O2' P5P B 10 -0.92 -2.07 1.59
C3' P5P B 10 -1.20 0.35 1.40
O3' P5P B 10 -2.05 0.22 2.51
C4' P5P B 10 -1.93 0.28 0.05
O4' P5P B 10 -0.97 -0.17 -0.89
C5' P5P B 10 -2.56 1.60 -0.38
O5' P5P B 10 -1.58 2.61 -0.51
P P5P B 10 -1.94 4.12 -0.97
OP1 P5P B 10 -3.27 4.46 -0.41
OP2 P5P B 10 -0.77 4.97 -0.66
H2 P5P B 10 4.56 -3.01 0.78
H6 P5P B 10 5.66 0.72 -0.68
H8 P5P B 10 0.81 1.89 -1.08
H1' P5P B 10 0.21 -1.84 -0.57
H2' P5P B 10 0.62 -0.71 1.92
HO2' P5P B 10 -0.29 -2.78 1.52
H3' P5P B 10 -0.62 1.28 1.46
HO3' P5P B 10 -2.20 -0.72 2.62
H4' P5P B 10 -2.71 -0.48 0.12
H5'1 P5P B 10 -3.08 1.46 -1.34
H5'2 P5P B 10 -3.30 1.90 0.37
N1 P5P B 10 3.02 -3.76 -1.07
C2 P5P B 10 1.71 -3.99 -1.14
N3 P5P B 10 0.73 -3.09 -1.14
C4 P5P B 10 1.19 -1.81 -1.07
C5 P5P B 10 2.50 -1.43 -1.00
C6 P5P B 10 3.45 -2.47 -1.03
N7 P5P B 10 2.61 -0.05 -0.89
C8 P5P B 10 1.36 0.35 -0.92
N9 P5P B 10 0.45 -0.66 -1.06
C1' P5P B 10 -1.03 -0.59 -1.14
C2' P5P B 10 -1.66 -0.84 0.24
O2' P5P B 10 -2.91 -1.49 0.07
C3' P5P B 10 -1.83 0.58 0.76
O3' P5P B 10 -2.79 0.66 1.79
C4' P5P B 10 -2.22 1.30 -0.53
O4' P5P B 10 -1.44 0.72 -1.55
C5' P5P B 10 -2.02 2.82 -0.45
O5' P5P B 10 -0.68 3.13 -0.11
P P5P B 10 -0.18 4.66 0.07
OP1 P5P B 10 -1.29 5.43 0.67
OP2 P5P B 10 1.13 4.61 0.74
H2 P5P B 10 1.41 -5.02 -1.19
H6 P5P B 10 4.51 -2.26 -0.99
H8 P5P B 10 1.09 1.40 -0.83
H1' P5P B 10 -1.38 -1.34 -1.85
H2' P5P B 10 -1.01 -1.44 0.88
HO2' P5P B 10 -3.44 -1.27 0.84
H3' P5P B 10 -0.86 0.94 1.11
HO3' P5P B 10 -2.79 1.56 2.13
H4' P5P B 10 -3.27 1.10 -0.73
H5'1 P5P B 10 -2.28 3.27 -1.42
H5'2 P5P B 10 -2.70 3.23 0.30
#